data_9O8N
#
_entry.id   9O8N
#
_cell.length_a   97.696
_cell.length_b   97.696
_cell.length_c   78.288
_cell.angle_alpha   90.00
_cell.angle_beta   90.00
_cell.angle_gamma   120.00
#
_symmetry.space_group_name_H-M   'P 63'
#
loop_
_entity.id
_entity.type
_entity.pdbx_description
1 polymer '2,3,4,5-tetrahydropyridine-2,6-dicarboxylate N-succinyltransferase'
2 non-polymer 'CALCIUM ION'
3 non-polymer 'CHLORIDE ION'
4 non-polymer GLYCEROL
5 water water
#
_entity_poly.entity_id   1
_entity_poly.type   'polypeptide(L)'
_entity_poly.pdbx_seq_one_letter_code
;MAHHHHHHTLDLQTTIEQAWENRANLSPVDASAEVRDAVEHTIDGLDLGRLRVAEKIDDQWIVHQWIKKAVLLSFRLHDN
AVMGQGPLQFYDKVPTKFAGYGEAAFKAGGYRVVPPAVARRGAFIARNVVLMPSYVNIGAYVDEGTMVDTWATVGSCAQI
GKNVHLSGGVGIGGVLEPLQANPTIIEDNCFIGARSEVVEGVVVEENSVLAMGVFLSQSTKIYDRATGKVSYGRVPSGSV
VVPGSLPSEDGSHSLACAVIVKRVDAQTRAKTSINDLL
;
_entity_poly.pdbx_strand_id   A
#
# COMPACT_ATOMS: atom_id res chain seq x y z
N HIS A 8 -5.98 -24.52 -13.93
CA HIS A 8 -4.50 -24.53 -13.78
C HIS A 8 -3.82 -24.22 -15.11
N THR A 9 -3.64 -22.93 -15.40
CA THR A 9 -3.01 -22.51 -16.64
C THR A 9 -1.64 -23.16 -16.81
N LEU A 10 -1.28 -23.42 -18.08
CA LEU A 10 0.05 -23.96 -18.38
C LEU A 10 1.13 -22.94 -18.01
N ASP A 11 0.95 -21.68 -18.42
CA ASP A 11 1.71 -20.59 -17.81
C ASP A 11 0.78 -19.41 -17.54
N LEU A 12 0.59 -19.14 -16.26
CA LEU A 12 -0.33 -18.10 -15.82
C LEU A 12 0.10 -16.72 -16.32
N GLN A 13 1.38 -16.40 -16.19
CA GLN A 13 1.85 -15.08 -16.64
C GLN A 13 1.54 -14.89 -18.12
N THR A 14 1.84 -15.90 -18.93
CA THR A 14 1.61 -15.76 -20.36
C THR A 14 0.14 -15.58 -20.68
N THR A 15 -0.73 -16.34 -20.01
CA THR A 15 -2.17 -16.16 -20.22
C THR A 15 -2.60 -14.74 -19.86
N ILE A 16 -2.10 -14.22 -18.73
CA ILE A 16 -2.47 -12.86 -18.35
C ILE A 16 -1.96 -11.87 -19.37
N GLU A 17 -0.74 -12.09 -19.87
CA GLU A 17 -0.15 -11.12 -20.79
C GLU A 17 -0.88 -11.12 -22.13
N GLN A 18 -1.30 -12.29 -22.60
CA GLN A 18 -2.05 -12.35 -23.85
C GLN A 18 -3.48 -11.82 -23.68
N ALA A 19 -4.08 -12.01 -22.50
CA ALA A 19 -5.38 -11.40 -22.24
C ALA A 19 -5.27 -9.89 -22.23
N TRP A 20 -4.21 -9.36 -21.59
CA TRP A 20 -3.95 -7.92 -21.65
C TRP A 20 -3.88 -7.42 -23.07
N GLU A 21 -3.19 -8.13 -23.95
CA GLU A 21 -3.06 -7.69 -25.32
C GLU A 21 -4.42 -7.69 -26.01
N ASN A 22 -5.31 -8.58 -25.57
CA ASN A 22 -6.64 -8.73 -26.14
C ASN A 22 -7.69 -7.96 -25.36
N ARG A 23 -7.27 -7.04 -24.48
CA ARG A 23 -8.21 -6.51 -23.49
C ARG A 23 -9.35 -5.71 -24.12
N ALA A 24 -9.12 -5.09 -25.28
CA ALA A 24 -10.20 -4.33 -25.90
C ALA A 24 -11.38 -5.20 -26.27
N ASN A 25 -11.18 -6.52 -26.37
CA ASN A 25 -12.20 -7.47 -26.76
C ASN A 25 -12.76 -8.24 -25.58
N LEU A 26 -12.35 -7.90 -24.37
CA LEU A 26 -12.82 -8.55 -23.16
C LEU A 26 -13.83 -7.66 -22.46
N SER A 27 -14.91 -8.29 -21.97
CA SER A 27 -15.95 -7.61 -21.21
C SER A 27 -16.49 -8.63 -20.23
N PRO A 28 -17.37 -8.18 -19.31
CA PRO A 28 -18.02 -9.13 -18.39
C PRO A 28 -18.95 -10.13 -19.06
N VAL A 29 -19.32 -9.95 -20.32
CA VAL A 29 -20.15 -10.92 -21.01
C VAL A 29 -19.31 -11.89 -21.84
N ASP A 30 -18.25 -11.42 -22.49
CA ASP A 30 -17.62 -12.23 -23.52
C ASP A 30 -16.38 -13.01 -23.08
N ALA A 31 -15.93 -12.86 -21.84
CA ALA A 31 -14.64 -13.38 -21.45
C ALA A 31 -14.64 -14.88 -21.25
N SER A 32 -13.56 -15.53 -21.70
CA SER A 32 -13.48 -16.97 -21.65
C SER A 32 -13.26 -17.47 -20.23
N ALA A 33 -13.62 -18.73 -20.02
CA ALA A 33 -13.32 -19.39 -18.74
C ALA A 33 -11.81 -19.40 -18.49
N GLU A 34 -11.02 -19.59 -19.54
CA GLU A 34 -9.57 -19.66 -19.35
C GLU A 34 -9.04 -18.36 -18.75
N VAL A 35 -9.49 -17.23 -19.29
CA VAL A 35 -8.96 -15.94 -18.84
C VAL A 35 -9.55 -15.58 -17.49
N ARG A 36 -10.84 -15.84 -17.31
CA ARG A 36 -11.47 -15.56 -16.02
C ARG A 36 -10.79 -16.35 -14.90
N ASP A 37 -10.47 -17.62 -15.17
CA ASP A 37 -9.83 -18.44 -14.15
C ASP A 37 -8.42 -17.96 -13.86
N ALA A 38 -7.68 -17.55 -14.89
CA ALA A 38 -6.32 -17.06 -14.69
C ALA A 38 -6.33 -15.79 -13.86
N VAL A 39 -7.25 -14.88 -14.16
CA VAL A 39 -7.36 -13.65 -13.37
C VAL A 39 -7.77 -13.97 -11.95
N GLU A 40 -8.81 -14.82 -11.79
CA GLU A 40 -9.28 -15.16 -10.45
C GLU A 40 -8.17 -15.81 -9.64
N HIS A 41 -7.40 -16.70 -10.26
CA HIS A 41 -6.31 -17.37 -9.55
C HIS A 41 -5.24 -16.37 -9.11
N THR A 42 -4.99 -15.35 -9.92
CA THR A 42 -4.00 -14.35 -9.55
C THR A 42 -4.51 -13.50 -8.39
N ILE A 43 -5.77 -13.08 -8.44
CA ILE A 43 -6.33 -12.30 -7.33
C ILE A 43 -6.36 -13.14 -6.06
N ASP A 44 -6.72 -14.43 -6.18
CA ASP A 44 -6.70 -15.31 -5.01
C ASP A 44 -5.31 -15.33 -4.40
N GLY A 45 -4.28 -15.42 -5.25
CA GLY A 45 -2.91 -15.46 -4.76
C GLY A 45 -2.52 -14.17 -4.07
N LEU A 46 -2.93 -13.03 -4.64
CA LEU A 46 -2.72 -11.76 -3.94
C LEU A 46 -3.42 -11.74 -2.60
N ASP A 47 -4.66 -12.22 -2.55
CA ASP A 47 -5.45 -12.15 -1.33
C ASP A 47 -4.80 -12.94 -0.21
N LEU A 48 -4.17 -14.06 -0.57
CA LEU A 48 -3.52 -14.96 0.35
C LEU A 48 -2.08 -14.60 0.63
N GLY A 49 -1.54 -13.62 -0.08
CA GLY A 49 -0.15 -13.27 0.04
C GLY A 49 0.82 -14.23 -0.61
N ARG A 50 0.31 -15.18 -1.42
CA ARG A 50 1.24 -16.07 -2.12
CA ARG A 50 1.19 -16.08 -2.16
C ARG A 50 1.89 -15.36 -3.31
N LEU A 51 1.19 -14.40 -3.89
CA LEU A 51 1.70 -13.46 -4.87
C LEU A 51 1.72 -12.07 -4.26
N ARG A 52 2.60 -11.22 -4.77
CA ARG A 52 2.62 -9.82 -4.35
C ARG A 52 3.09 -8.97 -5.53
N VAL A 53 2.53 -7.76 -5.61
CA VAL A 53 2.77 -6.91 -6.78
C VAL A 53 4.23 -6.52 -6.86
N ALA A 54 4.86 -6.26 -5.72
CA ALA A 54 6.28 -5.93 -5.66
C ALA A 54 6.91 -6.70 -4.52
N GLU A 55 8.18 -7.03 -4.68
CA GLU A 55 8.93 -7.71 -3.62
C GLU A 55 10.38 -7.26 -3.68
N LYS A 56 11.07 -7.44 -2.58
CA LYS A 56 12.45 -6.99 -2.46
C LYS A 56 13.35 -8.18 -2.77
N ILE A 57 14.18 -8.02 -3.80
CA ILE A 57 15.13 -9.05 -4.25
C ILE A 57 16.49 -8.41 -4.42
N ASP A 58 17.52 -9.05 -3.86
CA ASP A 58 18.87 -8.50 -3.92
C ASP A 58 18.90 -7.06 -3.41
N ASP A 59 18.06 -6.78 -2.41
CA ASP A 59 17.98 -5.49 -1.75
C ASP A 59 17.45 -4.37 -2.64
N GLN A 60 16.73 -4.72 -3.70
CA GLN A 60 16.03 -3.74 -4.52
C GLN A 60 14.59 -4.21 -4.70
N TRP A 61 13.65 -3.27 -4.59
CA TRP A 61 12.26 -3.59 -4.86
C TRP A 61 12.04 -3.73 -6.37
N ILE A 62 11.37 -4.83 -6.75
CA ILE A 62 11.04 -5.22 -8.12
C ILE A 62 9.52 -5.24 -8.23
N VAL A 63 8.99 -4.88 -9.41
CA VAL A 63 7.56 -4.91 -9.65
C VAL A 63 7.24 -6.03 -10.64
N HIS A 64 6.10 -6.69 -10.44
CA HIS A 64 5.60 -7.72 -11.35
C HIS A 64 4.49 -7.11 -12.18
N GLN A 65 4.84 -6.63 -13.38
CA GLN A 65 3.83 -5.96 -14.19
C GLN A 65 2.68 -6.88 -14.54
N TRP A 66 2.94 -8.18 -14.75
CA TRP A 66 1.84 -9.06 -15.12
C TRP A 66 0.79 -9.14 -14.02
N ILE A 67 1.19 -8.98 -12.76
CA ILE A 67 0.20 -9.01 -11.69
C ILE A 67 -0.66 -7.77 -11.72
N LYS A 68 -0.07 -6.61 -11.98
CA LYS A 68 -0.88 -5.41 -12.18
C LYS A 68 -1.85 -5.58 -13.33
N LYS A 69 -1.41 -6.20 -14.43
CA LYS A 69 -2.31 -6.46 -15.54
C LYS A 69 -3.50 -7.31 -15.10
N ALA A 70 -3.25 -8.31 -14.26
CA ALA A 70 -4.36 -9.15 -13.77
C ALA A 70 -5.34 -8.32 -12.97
N VAL A 71 -4.83 -7.45 -12.09
CA VAL A 71 -5.71 -6.62 -11.27
C VAL A 71 -6.58 -5.76 -12.18
N LEU A 72 -5.96 -5.13 -13.18
CA LEU A 72 -6.72 -4.29 -14.10
C LEU A 72 -7.73 -5.11 -14.91
N LEU A 73 -7.36 -6.32 -15.32
CA LEU A 73 -8.32 -7.17 -16.02
C LEU A 73 -9.48 -7.57 -15.12
N SER A 74 -9.24 -7.74 -13.82
CA SER A 74 -10.33 -8.13 -12.93
C SER A 74 -11.42 -7.06 -12.90
N PHE A 75 -11.05 -5.78 -13.05
CA PHE A 75 -12.04 -4.72 -13.19
C PHE A 75 -12.82 -4.86 -14.49
N ARG A 76 -12.11 -5.10 -15.59
CA ARG A 76 -12.73 -5.17 -16.90
C ARG A 76 -13.70 -6.33 -17.02
N LEU A 77 -13.43 -7.44 -16.32
CA LEU A 77 -14.18 -8.68 -16.45
C LEU A 77 -15.41 -8.76 -15.56
N HIS A 78 -15.62 -7.79 -14.68
CA HIS A 78 -16.78 -7.84 -13.80
C HIS A 78 -17.66 -6.63 -13.96
N ASP A 79 -18.97 -6.90 -13.90
CA ASP A 79 -19.97 -5.86 -13.86
C ASP A 79 -20.09 -5.34 -12.43
N ASN A 80 -20.58 -4.12 -12.33
CA ASN A 80 -21.01 -3.63 -11.02
C ASN A 80 -22.21 -4.41 -10.51
N ALA A 81 -22.29 -4.54 -9.19
CA ALA A 81 -23.36 -5.30 -8.55
C ALA A 81 -23.79 -4.55 -7.30
N VAL A 82 -25.09 -4.64 -7.00
CA VAL A 82 -25.60 -4.06 -5.77
C VAL A 82 -25.04 -4.84 -4.58
N MET A 83 -24.61 -4.11 -3.56
CA MET A 83 -24.03 -4.70 -2.36
C MET A 83 -24.68 -4.02 -1.16
N GLY A 84 -24.85 -4.77 -0.08
CA GLY A 84 -25.32 -4.18 1.16
C GLY A 84 -26.83 -4.11 1.23
N GLN A 85 -27.31 -3.22 2.10
CA GLN A 85 -28.75 -3.10 2.35
C GLN A 85 -28.99 -1.90 3.27
N GLY A 86 -30.25 -1.61 3.51
CA GLY A 86 -30.62 -0.51 4.37
C GLY A 86 -29.98 0.78 3.93
N PRO A 87 -29.62 1.63 4.90
CA PRO A 87 -29.01 2.91 4.56
C PRO A 87 -27.57 2.83 4.09
N LEU A 88 -27.10 1.63 3.77
CA LEU A 88 -25.76 1.44 3.34
C LEU A 88 -25.81 0.50 2.12
N GLN A 89 -26.40 0.98 1.04
CA GLN A 89 -26.36 0.28 -0.24
C GLN A 89 -25.20 0.82 -1.07
N PHE A 90 -24.51 -0.08 -1.76
CA PHE A 90 -23.38 0.22 -2.61
C PHE A 90 -23.55 -0.46 -3.96
N TYR A 91 -22.64 -0.12 -4.89
CA TYR A 91 -22.77 -0.60 -6.27
C TYR A 91 -21.36 -0.57 -6.85
N ASP A 92 -20.73 -1.75 -6.90
CA ASP A 92 -19.33 -1.78 -7.31
C ASP A 92 -19.02 -3.16 -7.88
N LYS A 93 -17.85 -3.25 -8.50
CA LYS A 93 -17.46 -4.45 -9.24
C LYS A 93 -16.32 -5.21 -8.58
N VAL A 94 -15.82 -4.74 -7.45
CA VAL A 94 -14.75 -5.41 -6.72
C VAL A 94 -15.33 -5.95 -5.42
N PRO A 95 -15.27 -7.25 -5.19
CA PRO A 95 -15.78 -7.80 -3.93
C PRO A 95 -14.94 -7.32 -2.76
N THR A 96 -15.60 -7.19 -1.62
CA THR A 96 -14.84 -6.92 -0.40
C THR A 96 -14.20 -8.21 0.12
N LYS A 97 -13.17 -8.03 0.94
CA LYS A 97 -12.30 -9.16 1.27
C LYS A 97 -13.00 -10.19 2.13
N PHE A 98 -13.84 -9.74 3.05
CA PHE A 98 -14.36 -10.58 4.12
C PHE A 98 -15.78 -11.05 3.86
N ALA A 99 -16.31 -10.80 2.66
CA ALA A 99 -17.65 -11.27 2.34
C ALA A 99 -17.76 -12.78 2.53
N GLY A 100 -18.75 -13.20 3.32
CA GLY A 100 -18.97 -14.63 3.54
C GLY A 100 -18.08 -15.27 4.57
N TYR A 101 -17.10 -14.54 5.11
CA TYR A 101 -16.30 -15.05 6.21
C TYR A 101 -17.16 -15.34 7.42
N GLY A 102 -16.83 -16.41 8.12
CA GLY A 102 -17.33 -16.62 9.45
C GLY A 102 -16.20 -16.67 10.46
N GLU A 103 -16.49 -17.15 11.67
CA GLU A 103 -15.49 -17.19 12.72
C GLU A 103 -14.25 -17.95 12.27
N ALA A 104 -14.44 -19.10 11.62
CA ALA A 104 -13.31 -19.94 11.27
C ALA A 104 -12.33 -19.18 10.37
N ALA A 105 -12.86 -18.50 9.35
CA ALA A 105 -12.01 -17.78 8.41
C ALA A 105 -11.29 -16.61 9.09
N PHE A 106 -11.99 -15.87 9.93
CA PHE A 106 -11.34 -14.75 10.61
C PHE A 106 -10.27 -15.25 11.58
N LYS A 107 -10.58 -16.32 12.33
CA LYS A 107 -9.59 -16.86 13.25
C LYS A 107 -8.35 -17.31 12.50
N ALA A 108 -8.55 -17.94 11.35
CA ALA A 108 -7.42 -18.39 10.54
C ALA A 108 -6.55 -17.23 10.08
N GLY A 109 -7.16 -16.08 9.79
CA GLY A 109 -6.41 -14.94 9.29
C GLY A 109 -5.53 -14.31 10.36
N GLY A 110 -6.00 -14.28 11.59
CA GLY A 110 -5.20 -13.81 12.71
C GLY A 110 -5.17 -12.32 12.90
N TYR A 111 -6.02 -11.57 12.21
CA TYR A 111 -6.05 -10.11 12.29
C TYR A 111 -7.41 -9.67 12.82
N ARG A 112 -7.51 -8.38 13.12
CA ARG A 112 -8.74 -7.77 13.62
C ARG A 112 -9.22 -6.73 12.63
N VAL A 113 -10.54 -6.65 12.46
CA VAL A 113 -11.18 -5.71 11.55
C VAL A 113 -12.21 -4.94 12.37
N VAL A 114 -11.89 -3.70 12.76
CA VAL A 114 -12.71 -2.89 13.64
C VAL A 114 -13.75 -2.18 12.77
N PRO A 115 -15.05 -2.24 13.09
CA PRO A 115 -16.03 -1.59 12.23
C PRO A 115 -15.88 -0.09 12.27
N PRO A 116 -16.02 0.60 11.15
CA PRO A 116 -16.43 0.11 9.82
C PRO A 116 -15.31 -0.07 8.81
N ALA A 117 -14.18 -0.64 9.21
CA ALA A 117 -13.09 -0.92 8.28
C ALA A 117 -13.53 -1.84 7.15
N VAL A 118 -13.00 -1.58 5.96
CA VAL A 118 -13.24 -2.40 4.78
C VAL A 118 -11.93 -2.61 4.06
N ALA A 119 -11.75 -3.82 3.51
CA ALA A 119 -10.67 -4.12 2.60
C ALA A 119 -11.25 -4.79 1.37
N ARG A 120 -10.59 -4.62 0.24
CA ARG A 120 -11.03 -5.30 -0.97
C ARG A 120 -10.36 -6.67 -1.10
N ARG A 121 -11.09 -7.59 -1.71
CA ARG A 121 -10.51 -8.87 -2.10
CA ARG A 121 -10.50 -8.87 -2.09
C ARG A 121 -9.28 -8.62 -2.96
N GLY A 122 -8.22 -9.38 -2.72
CA GLY A 122 -6.99 -9.17 -3.43
C GLY A 122 -5.99 -8.34 -2.68
N ALA A 123 -6.32 -7.92 -1.46
CA ALA A 123 -5.36 -7.34 -0.53
C ALA A 123 -4.96 -8.41 0.47
N PHE A 124 -3.67 -8.49 0.77
CA PHE A 124 -3.18 -9.41 1.79
C PHE A 124 -3.08 -8.69 3.15
N ILE A 125 -3.65 -9.31 4.17
CA ILE A 125 -3.57 -8.81 5.55
C ILE A 125 -2.95 -9.94 6.39
N ALA A 126 -1.78 -9.68 6.96
CA ALA A 126 -1.06 -10.68 7.73
C ALA A 126 -1.64 -10.85 9.14
N ARG A 127 -1.12 -11.87 9.83
CA ARG A 127 -1.46 -12.09 11.23
C ARG A 127 -1.06 -10.90 12.08
N ASN A 128 -1.83 -10.66 13.15
CA ASN A 128 -1.59 -9.67 14.19
C ASN A 128 -1.68 -8.25 13.66
N VAL A 129 -2.23 -8.05 12.50
CA VAL A 129 -2.61 -6.73 12.03
C VAL A 129 -3.89 -6.30 12.73
N VAL A 130 -3.99 -5.00 12.99
CA VAL A 130 -5.22 -4.41 13.46
C VAL A 130 -5.64 -3.36 12.44
N LEU A 131 -6.80 -3.56 11.86
CA LEU A 131 -7.41 -2.55 10.99
C LEU A 131 -8.45 -1.79 11.81
N MET A 132 -8.08 -0.61 12.30
CA MET A 132 -9.06 0.33 12.82
C MET A 132 -9.90 0.75 11.62
N PRO A 133 -10.97 1.52 11.81
CA PRO A 133 -11.72 1.99 10.63
C PRO A 133 -10.78 2.58 9.59
N SER A 134 -10.72 2.01 8.39
CA SER A 134 -9.63 2.28 7.46
C SER A 134 -10.01 1.60 6.15
N TYR A 135 -9.22 1.83 5.11
CA TYR A 135 -9.46 1.17 3.84
C TYR A 135 -8.18 0.56 3.32
N VAL A 136 -8.25 -0.67 2.84
CA VAL A 136 -7.14 -1.34 2.19
C VAL A 136 -7.59 -1.78 0.81
N ASN A 137 -6.95 -1.24 -0.22
CA ASN A 137 -7.36 -1.44 -1.61
C ASN A 137 -6.69 -2.69 -2.20
N ILE A 138 -7.20 -3.12 -3.34
CA ILE A 138 -6.75 -4.33 -4.00
C ILE A 138 -5.26 -4.26 -4.31
N GLY A 139 -4.58 -5.38 -4.15
CA GLY A 139 -3.15 -5.44 -4.44
C GLY A 139 -2.24 -5.04 -3.31
N ALA A 140 -2.77 -4.44 -2.25
CA ALA A 140 -1.94 -4.03 -1.13
C ALA A 140 -1.47 -5.26 -0.37
N TYR A 141 -0.33 -5.12 0.30
CA TYR A 141 0.23 -6.17 1.15
C TYR A 141 0.54 -5.53 2.50
N VAL A 142 -0.11 -6.02 3.56
CA VAL A 142 0.06 -5.45 4.89
C VAL A 142 0.62 -6.55 5.79
N ASP A 143 1.91 -6.45 6.14
CA ASP A 143 2.62 -7.53 6.79
C ASP A 143 2.40 -7.51 8.30
N GLU A 144 2.99 -8.53 8.94
CA GLU A 144 2.64 -8.94 10.29
C GLU A 144 2.84 -7.83 11.31
N GLY A 145 1.89 -7.72 12.24
CA GLY A 145 2.01 -6.84 13.38
C GLY A 145 1.72 -5.39 13.11
N THR A 146 1.30 -5.05 11.92
CA THR A 146 1.10 -3.66 11.56
C THR A 146 -0.22 -3.13 12.05
N MET A 147 -0.22 -1.87 12.46
CA MET A 147 -1.40 -1.16 12.95
C MET A 147 -1.81 -0.15 11.89
N VAL A 148 -3.05 -0.23 11.43
CA VAL A 148 -3.61 0.71 10.48
C VAL A 148 -4.67 1.49 11.26
N ASP A 149 -4.39 2.75 11.57
CA ASP A 149 -5.24 3.51 12.47
C ASP A 149 -6.40 4.19 11.75
N THR A 150 -7.19 4.93 12.53
CA THR A 150 -8.51 5.35 12.07
C THR A 150 -8.43 6.34 10.91
N TRP A 151 -9.21 6.02 9.87
CA TRP A 151 -9.29 6.73 8.60
C TRP A 151 -7.95 6.81 7.86
N ALA A 152 -7.10 5.83 8.10
CA ALA A 152 -5.97 5.60 7.24
C ALA A 152 -6.39 4.85 5.98
N THR A 153 -5.52 4.91 4.98
CA THR A 153 -5.76 4.28 3.70
C THR A 153 -4.47 3.61 3.23
N VAL A 154 -4.58 2.35 2.81
CA VAL A 154 -3.47 1.65 2.15
C VAL A 154 -3.92 1.45 0.71
N GLY A 155 -3.33 2.22 -0.18
CA GLY A 155 -3.75 2.24 -1.57
C GLY A 155 -3.32 1.03 -2.37
N SER A 156 -3.83 0.99 -3.61
CA SER A 156 -3.61 -0.18 -4.44
CA SER A 156 -3.61 -0.17 -4.45
C SER A 156 -2.12 -0.46 -4.61
N CYS A 157 -1.77 -1.71 -4.41
CA CYS A 157 -0.46 -2.29 -4.66
C CYS A 157 0.58 -1.87 -3.61
N ALA A 158 0.22 -1.04 -2.63
CA ALA A 158 1.20 -0.58 -1.65
C ALA A 158 1.71 -1.74 -0.83
N GLN A 159 3.00 -1.69 -0.48
CA GLN A 159 3.67 -2.73 0.29
C GLN A 159 4.00 -2.15 1.67
N ILE A 160 3.35 -2.68 2.71
CA ILE A 160 3.54 -2.21 4.07
C ILE A 160 4.27 -3.33 4.82
N GLY A 161 5.37 -2.97 5.46
CA GLY A 161 6.21 -3.95 6.15
C GLY A 161 5.61 -4.40 7.47
N LYS A 162 6.43 -5.20 8.18
CA LYS A 162 6.08 -5.73 9.49
C LYS A 162 6.23 -4.66 10.55
N ASN A 163 5.34 -4.69 11.54
CA ASN A 163 5.44 -3.82 12.72
C ASN A 163 5.46 -2.35 12.35
N VAL A 164 4.72 -1.99 11.31
CA VAL A 164 4.55 -0.61 10.89
C VAL A 164 3.38 -0.03 11.65
N HIS A 165 3.46 1.26 11.95
CA HIS A 165 2.36 2.00 12.57
C HIS A 165 1.93 3.08 11.59
N LEU A 166 0.77 2.92 10.99
CA LEU A 166 0.16 3.95 10.15
C LEU A 166 -0.83 4.69 11.04
N SER A 167 -0.51 5.91 11.40
CA SER A 167 -1.31 6.65 12.35
C SER A 167 -2.61 7.14 11.71
N GLY A 168 -3.40 7.83 12.52
CA GLY A 168 -4.71 8.26 12.06
C GLY A 168 -4.60 9.15 10.82
N GLY A 169 -5.47 8.87 9.85
CA GLY A 169 -5.57 9.73 8.69
C GLY A 169 -4.40 9.64 7.75
N VAL A 170 -3.54 8.65 7.92
CA VAL A 170 -2.39 8.49 7.03
C VAL A 170 -2.86 7.87 5.73
N GLY A 171 -2.38 8.40 4.61
CA GLY A 171 -2.64 7.78 3.33
C GLY A 171 -1.39 7.32 2.65
N ILE A 172 -1.41 6.08 2.19
CA ILE A 172 -0.33 5.47 1.41
C ILE A 172 -0.88 5.32 -0.01
N GLY A 173 -0.32 6.06 -0.95
CA GLY A 173 -0.93 6.21 -2.25
C GLY A 173 -0.80 4.98 -3.11
N GLY A 174 -1.86 4.71 -3.90
CA GLY A 174 -1.84 3.60 -4.81
C GLY A 174 -1.08 3.91 -6.09
N VAL A 175 -0.60 2.83 -6.69
CA VAL A 175 0.14 2.91 -7.95
C VAL A 175 -0.25 1.66 -8.73
N LEU A 176 -1.25 1.76 -9.58
CA LEU A 176 -1.56 0.66 -10.49
C LEU A 176 -0.97 0.96 -11.86
N GLU A 177 -1.38 2.06 -12.48
CA GLU A 177 -0.69 2.56 -13.66
C GLU A 177 0.25 3.71 -13.27
N PRO A 178 1.35 3.92 -13.98
CA PRO A 178 1.88 3.14 -15.10
C PRO A 178 2.28 1.74 -14.67
N LEU A 179 2.19 0.77 -15.58
CA LEU A 179 2.46 -0.61 -15.20
C LEU A 179 3.87 -0.77 -14.65
N GLN A 180 4.83 -0.05 -15.23
CA GLN A 180 6.23 -0.21 -14.88
C GLN A 180 6.58 0.40 -13.53
N ALA A 181 5.71 1.23 -12.97
CA ALA A 181 6.04 1.99 -11.78
C ALA A 181 5.98 1.14 -10.51
N ASN A 182 7.00 1.24 -9.66
CA ASN A 182 6.94 0.54 -8.39
C ASN A 182 5.88 1.18 -7.48
N PRO A 183 5.23 0.37 -6.66
CA PRO A 183 4.24 0.92 -5.73
C PRO A 183 4.91 1.63 -4.57
N THR A 184 4.09 2.32 -3.79
CA THR A 184 4.56 2.97 -2.59
C THR A 184 4.95 1.92 -1.57
N ILE A 185 6.09 2.13 -0.91
CA ILE A 185 6.69 1.12 -0.03
C ILE A 185 6.95 1.76 1.32
N ILE A 186 6.44 1.13 2.38
CA ILE A 186 6.74 1.48 3.77
C ILE A 186 7.43 0.25 4.34
N GLU A 187 8.72 0.35 4.65
CA GLU A 187 9.47 -0.82 5.07
C GLU A 187 9.25 -1.13 6.54
N ASP A 188 9.86 -2.21 7.02
CA ASP A 188 9.60 -2.69 8.37
C ASP A 188 9.86 -1.61 9.42
N ASN A 189 9.02 -1.63 10.46
CA ASN A 189 9.17 -0.90 11.71
CA ASN A 189 9.24 -0.90 11.69
C ASN A 189 9.11 0.60 11.55
N CYS A 190 8.51 1.09 10.47
CA CYS A 190 8.34 2.52 10.32
C CYS A 190 7.18 3.03 11.16
N PHE A 191 7.30 4.28 11.60
CA PHE A 191 6.19 5.00 12.22
C PHE A 191 5.82 6.14 11.30
N ILE A 192 4.54 6.21 10.90
CA ILE A 192 4.07 7.27 10.00
C ILE A 192 3.05 8.09 10.80
N GLY A 193 3.41 9.34 11.11
CA GLY A 193 2.58 10.15 11.98
C GLY A 193 1.29 10.60 11.33
N ALA A 194 0.35 11.02 12.20
CA ALA A 194 -1.01 11.30 11.78
C ALA A 194 -1.04 12.32 10.65
N ARG A 195 -1.97 12.09 9.73
CA ARG A 195 -2.25 12.94 8.57
C ARG A 195 -1.14 12.93 7.52
N SER A 196 -0.06 12.20 7.72
CA SER A 196 0.97 12.14 6.69
C SER A 196 0.46 11.40 5.45
N GLU A 197 1.14 11.65 4.33
CA GLU A 197 0.77 11.04 3.06
C GLU A 197 2.06 10.66 2.37
N VAL A 198 2.15 9.43 1.87
CA VAL A 198 3.30 8.94 1.12
C VAL A 198 2.72 8.31 -0.13
N VAL A 199 3.06 8.88 -1.30
CA VAL A 199 2.39 8.52 -2.54
C VAL A 199 3.41 8.27 -3.66
N GLU A 200 2.90 7.76 -4.77
CA GLU A 200 3.62 7.77 -6.05
C GLU A 200 4.93 6.98 -5.98
N GLY A 201 4.93 5.89 -5.21
CA GLY A 201 6.07 5.00 -5.21
C GLY A 201 7.26 5.49 -4.40
N VAL A 202 7.07 6.50 -3.57
CA VAL A 202 8.10 6.87 -2.60
C VAL A 202 8.38 5.64 -1.75
N VAL A 203 9.66 5.45 -1.42
CA VAL A 203 10.09 4.37 -0.53
C VAL A 203 10.50 4.98 0.81
N VAL A 204 9.88 4.51 1.88
CA VAL A 204 10.31 4.86 3.22
C VAL A 204 11.04 3.64 3.78
N GLU A 205 12.37 3.77 3.97
CA GLU A 205 13.16 2.62 4.36
C GLU A 205 12.99 2.33 5.85
N GLU A 206 13.42 1.13 6.23
CA GLU A 206 13.10 0.57 7.53
C GLU A 206 13.55 1.46 8.68
N ASN A 207 12.78 1.43 9.76
CA ASN A 207 13.05 2.11 11.01
C ASN A 207 12.85 3.62 10.96
N SER A 208 12.26 4.15 9.90
CA SER A 208 12.10 5.58 9.81
C SER A 208 10.88 6.05 10.62
N VAL A 209 10.87 7.34 10.90
CA VAL A 209 9.82 7.97 11.70
C VAL A 209 9.43 9.24 10.98
N LEU A 210 8.17 9.30 10.50
CA LEU A 210 7.61 10.52 9.94
C LEU A 210 6.72 11.16 10.99
N ALA A 211 6.95 12.45 11.26
CA ALA A 211 6.08 13.22 12.14
C ALA A 211 4.73 13.45 11.47
N MET A 212 3.81 14.05 12.23
CA MET A 212 2.53 14.43 11.67
C MET A 212 2.72 15.40 10.51
N GLY A 213 1.88 15.27 9.49
CA GLY A 213 1.82 16.27 8.46
C GLY A 213 2.93 16.26 7.45
N VAL A 214 3.64 15.15 7.32
CA VAL A 214 4.67 14.99 6.28
C VAL A 214 3.98 14.48 5.02
N PHE A 215 4.16 15.18 3.91
CA PHE A 215 3.56 14.78 2.64
C PHE A 215 4.70 14.52 1.67
N LEU A 216 4.79 13.29 1.16
CA LEU A 216 5.88 12.90 0.28
C LEU A 216 5.34 12.33 -1.02
N SER A 217 5.74 12.94 -2.13
CA SER A 217 5.54 12.45 -3.47
C SER A 217 6.92 12.41 -4.11
N GLN A 218 6.96 12.03 -5.39
CA GLN A 218 8.24 12.01 -6.06
C GLN A 218 8.83 13.41 -6.22
N SER A 219 8.00 14.46 -6.15
CA SER A 219 8.52 15.81 -6.35
C SER A 219 8.75 16.57 -5.05
N THR A 220 8.58 15.93 -3.90
CA THR A 220 8.78 16.59 -2.62
C THR A 220 10.27 16.67 -2.32
N LYS A 221 10.77 17.87 -2.06
CA LYS A 221 12.18 17.99 -1.67
C LYS A 221 12.35 17.38 -0.29
N ILE A 222 13.40 16.56 -0.13
CA ILE A 222 13.77 16.00 1.17
C ILE A 222 15.11 16.65 1.54
N TYR A 223 15.07 17.56 2.51
CA TYR A 223 16.24 18.33 2.91
C TYR A 223 16.88 17.65 4.11
N ASP A 224 18.16 17.26 3.97
CA ASP A 224 18.88 16.68 5.09
C ASP A 224 19.55 17.80 5.87
N ARG A 225 19.07 18.04 7.10
CA ARG A 225 19.55 19.19 7.85
C ARG A 225 21.05 19.09 8.12
N ALA A 226 21.53 17.89 8.43
CA ALA A 226 22.93 17.74 8.83
C ALA A 226 23.88 18.02 7.67
N THR A 227 23.51 17.62 6.46
CA THR A 227 24.40 17.77 5.31
C THR A 227 24.06 18.95 4.42
N GLY A 228 22.84 19.49 4.55
CA GLY A 228 22.42 20.58 3.70
C GLY A 228 22.05 20.18 2.29
N LYS A 229 21.84 18.89 2.04
CA LYS A 229 21.57 18.39 0.70
C LYS A 229 20.09 18.05 0.48
N VAL A 230 19.65 18.21 -0.77
CA VAL A 230 18.28 17.94 -1.18
C VAL A 230 18.27 16.66 -2.00
N SER A 231 17.32 15.78 -1.69
CA SER A 231 17.08 14.57 -2.46
C SER A 231 15.58 14.38 -2.60
N TYR A 232 15.20 13.33 -3.34
CA TYR A 232 13.81 13.04 -3.61
C TYR A 232 13.55 11.54 -3.58
N GLY A 233 12.31 11.19 -3.24
CA GLY A 233 11.77 9.89 -3.59
C GLY A 233 12.02 8.77 -2.61
N ARG A 234 12.84 9.00 -1.59
CA ARG A 234 13.28 7.94 -0.70
C ARG A 234 13.68 8.53 0.63
N VAL A 235 13.17 7.93 1.71
CA VAL A 235 13.59 8.27 3.06
C VAL A 235 14.61 7.22 3.51
N PRO A 236 15.87 7.60 3.75
CA PRO A 236 16.86 6.59 4.15
C PRO A 236 16.53 5.98 5.49
N SER A 237 16.97 4.74 5.67
CA SER A 237 16.62 3.97 6.86
C SER A 237 16.93 4.76 8.13
N GLY A 238 16.01 4.72 9.07
CA GLY A 238 16.22 5.33 10.37
C GLY A 238 16.05 6.82 10.42
N SER A 239 15.62 7.44 9.33
CA SER A 239 15.48 8.88 9.33
C SER A 239 14.29 9.33 10.15
N VAL A 240 14.45 10.46 10.83
CA VAL A 240 13.35 11.16 11.50
C VAL A 240 13.02 12.38 10.65
N VAL A 241 11.79 12.44 10.14
CA VAL A 241 11.40 13.42 9.12
C VAL A 241 10.27 14.28 9.67
N VAL A 242 10.40 15.59 9.52
CA VAL A 242 9.38 16.53 9.99
C VAL A 242 9.10 17.53 8.88
N PRO A 243 7.96 18.20 8.92
CA PRO A 243 7.69 19.22 7.92
C PRO A 243 8.51 20.47 8.14
N GLY A 244 8.98 21.03 7.03
CA GLY A 244 9.71 22.28 7.08
C GLY A 244 9.60 22.99 5.76
N SER A 245 10.56 23.86 5.47
CA SER A 245 10.53 24.62 4.24
C SER A 245 11.92 25.12 3.91
N LEU A 246 12.08 25.50 2.64
CA LEU A 246 13.28 26.07 2.11
C LEU A 246 12.98 27.44 1.52
N PRO A 247 13.82 28.43 1.79
CA PRO A 247 13.55 29.79 1.30
C PRO A 247 13.94 29.97 -0.16
N SER A 248 13.22 30.84 -0.83
CA SER A 248 13.63 31.27 -2.16
C SER A 248 14.93 32.08 -2.08
N GLU A 249 15.61 32.16 -3.22
CA GLU A 249 16.91 32.84 -3.27
C GLU A 249 16.79 34.30 -2.83
N ASP A 250 15.68 34.96 -3.15
CA ASP A 250 15.54 36.37 -2.81
C ASP A 250 14.89 36.60 -1.44
N GLY A 251 14.53 35.53 -0.74
CA GLY A 251 13.98 35.68 0.60
C GLY A 251 12.54 36.10 0.66
N SER A 252 11.82 36.17 -0.46
CA SER A 252 10.44 36.65 -0.42
C SER A 252 9.45 35.65 0.14
N HIS A 253 9.78 34.36 0.10
CA HIS A 253 8.83 33.32 0.46
C HIS A 253 9.61 32.02 0.63
N SER A 254 8.91 31.00 1.12
CA SER A 254 9.46 29.65 1.21
C SER A 254 8.46 28.67 0.64
N LEU A 255 8.97 27.50 0.23
CA LEU A 255 8.14 26.39 -0.21
C LEU A 255 8.30 25.21 0.76
N ALA A 256 7.19 24.60 1.15
CA ALA A 256 7.22 23.51 2.11
C ALA A 256 7.97 22.30 1.54
N CYS A 257 8.63 21.58 2.43
CA CYS A 257 9.38 20.39 2.07
C CYS A 257 9.43 19.48 3.30
N ALA A 258 10.06 18.32 3.15
CA ALA A 258 10.33 17.44 4.27
C ALA A 258 11.76 17.69 4.73
N VAL A 259 12.01 17.58 6.04
CA VAL A 259 13.35 17.80 6.58
C VAL A 259 13.73 16.60 7.42
N ILE A 260 14.88 15.99 7.11
CA ILE A 260 15.43 14.95 7.96
C ILE A 260 16.21 15.62 9.07
N VAL A 261 15.76 15.45 10.31
CA VAL A 261 16.38 16.15 11.43
C VAL A 261 17.31 15.26 12.25
N LYS A 262 17.24 13.95 12.08
CA LYS A 262 18.24 13.07 12.63
C LYS A 262 18.03 11.69 12.04
N ARG A 263 18.96 10.80 12.34
CA ARG A 263 18.93 9.44 11.85
C ARG A 263 19.34 8.53 12.99
N VAL A 264 18.55 7.46 13.21
CA VAL A 264 18.76 6.57 14.34
C VAL A 264 18.88 5.13 13.83
N ASP A 265 19.48 4.28 14.66
CA ASP A 265 19.65 2.87 14.33
C ASP A 265 18.56 2.04 15.00
N ALA A 266 18.54 0.74 14.70
CA ALA A 266 17.48 -0.11 15.21
C ALA A 266 17.50 -0.21 16.73
N GLN A 267 18.70 -0.20 17.33
CA GLN A 267 18.77 -0.25 18.79
C GLN A 267 18.07 0.95 19.42
N THR A 268 18.29 2.14 18.85
CA THR A 268 17.64 3.34 19.38
C THR A 268 16.12 3.24 19.28
N ARG A 269 15.60 2.70 18.17
CA ARG A 269 14.15 2.59 18.02
C ARG A 269 13.52 1.66 19.06
N ALA A 270 14.26 0.63 19.50
CA ALA A 270 13.72 -0.28 20.50
C ALA A 270 13.74 0.32 21.90
N LYS A 271 14.71 1.21 22.19
CA LYS A 271 14.86 1.77 23.52
C LYS A 271 14.35 3.20 23.64
N THR A 272 13.71 3.74 22.60
CA THR A 272 13.14 5.08 22.68
C THR A 272 11.73 5.08 22.09
N SER A 273 10.77 5.61 22.84
CA SER A 273 9.41 5.72 22.36
C SER A 273 9.34 6.72 21.21
N ILE A 274 8.31 6.56 20.37
CA ILE A 274 8.10 7.52 19.29
C ILE A 274 7.94 8.92 19.88
N ASN A 275 7.11 9.04 20.93
CA ASN A 275 6.96 10.31 21.61
C ASN A 275 8.31 10.87 22.03
N ASP A 276 9.21 10.02 22.53
CA ASP A 276 10.49 10.46 23.03
C ASP A 276 11.51 10.72 21.93
N LEU A 277 11.30 10.17 20.72
CA LEU A 277 12.24 10.40 19.64
C LEU A 277 12.27 11.86 19.20
N LEU A 278 11.32 12.67 19.66
CA LEU A 278 11.40 14.13 19.54
C LEU A 278 10.94 14.75 20.87
#